data_7U8D
#
_entry.id   7U8D
#
_cell.length_a   37.683
_cell.length_b   44.138
_cell.length_c   44.403
_cell.angle_alpha   112.140
_cell.angle_beta   97.040
_cell.angle_gamma   104.570
#
_symmetry.space_group_name_H-M   'P 1'
#
loop_
_entity.id
_entity.type
_entity.pdbx_description
1 polymer 'Peptidyl-prolyl cis-trans isomerase FKBP1A'
2 non-polymer (3S,5Z,6R,7E,9R,10R,12R,14S,15E,17E,19E,21S,23S,26R,27R,30R,34aS)-5-(ethoxyimino)-9,27-dihydroxy-3-{(2R)-1-[(1S,3R,4R)-4-hydroxy-3-methoxycyclohexyl]propan-2-yl}-10,21-dimethoxy-6,8,12,14,20,26-hexamethyl-5,6,9,10,12,13,14,21,22,23,24,25,26,27,32,33,34,34a-octadecahydro-3H-23,27-epoxypyrido[2,1-c][1,4]oxazacyclohentriacontine-1,11,28,29(4H,31H)-tetrone
3 non-polymer GLYCEROL
4 water water
#
_entity_poly.entity_id   1
_entity_poly.type   'polypeptide(L)'
_entity_poly.pdbx_seq_one_letter_code
;GPGVQVETISPGDGRTFPKRGQTCVVHYTGMLEDGKKFDSSRDRNKPFKFMLGKQEGIRGWEEGVAQMSVGQRAKLTISP
DYAYGATGHPGIIPPHATLVFDVELLKLE
;
_entity_poly.pdbx_strand_id   A,B
#
loop_
_chem_comp.id
_chem_comp.type
_chem_comp.name
_chem_comp.formula
GOL non-polymer GLYCEROL 'C3 H8 O3'
LWR non-polymer (3S,5Z,6R,7E,9R,10R,12R,14S,15E,17E,19E,21S,23S,26R,27R,30R,34aS)-5-(ethoxyimino)-9,27-dihydroxy-3-{(2R)-1-[(1S,3R,4R)-4-hydroxy-3-methoxycyclohexyl]propan-2-yl}-10,21-dimethoxy-6,8,12,14,20,26-hexamethyl-5,6,9,10,12,13,14,21,22,23,24,25,26,27,32,33,34,34a-octadecahydro-3H-23,27-epoxypyrido[2,1-c][1,4]oxazacyclohentriacontine-1,11,28,29(4H,31H)-tetrone 'C53 H84 N2 O13'
#
# COMPACT_ATOMS: atom_id res chain seq x y z
N PRO A 2 -15.80 -1.08 -6.93
CA PRO A 2 -15.93 0.37 -7.13
C PRO A 2 -16.08 1.13 -5.81
N GLY A 3 -17.09 0.76 -5.02
CA GLY A 3 -17.23 1.35 -3.70
C GLY A 3 -16.09 1.00 -2.78
N VAL A 4 -15.60 -0.23 -2.86
CA VAL A 4 -14.40 -0.61 -2.12
C VAL A 4 -13.53 -1.48 -3.02
N GLN A 5 -12.26 -1.14 -3.13
CA GLN A 5 -11.26 -1.93 -3.80
C GLN A 5 -10.43 -2.63 -2.74
N VAL A 6 -10.18 -3.93 -2.95
CA VAL A 6 -9.41 -4.74 -2.01
C VAL A 6 -8.17 -5.20 -2.77
N GLU A 7 -7.00 -4.75 -2.34
CA GLU A 7 -5.75 -5.09 -3.00
C GLU A 7 -4.82 -5.77 -2.00
N THR A 8 -4.29 -6.93 -2.40
CA THR A 8 -3.52 -7.74 -1.45
C THR A 8 -2.15 -7.13 -1.18
N ILE A 9 -1.83 -6.99 0.10
CA ILE A 9 -0.48 -6.74 0.55
C ILE A 9 0.25 -8.05 0.81
N SER A 10 -0.40 -8.99 1.50
CA SER A 10 0.11 -10.35 1.67
C SER A 10 -1.12 -11.25 1.60
N PRO A 11 -1.07 -12.36 0.87
CA PRO A 11 -2.26 -13.20 0.75
C PRO A 11 -2.65 -13.87 2.06
N GLY A 12 -3.93 -14.21 2.15
CA GLY A 12 -4.43 -15.07 3.20
C GLY A 12 -4.38 -16.52 2.79
N ASP A 13 -5.12 -17.36 3.52
CA ASP A 13 -5.17 -18.78 3.18
C ASP A 13 -6.04 -19.07 1.96
N GLY A 14 -6.79 -18.08 1.46
CA GLY A 14 -7.60 -18.28 0.28
C GLY A 14 -8.83 -19.12 0.48
N ARG A 15 -9.13 -19.48 1.74
CA ARG A 15 -10.18 -20.48 2.02
C ARG A 15 -11.08 -20.09 3.18
N THR A 16 -10.58 -19.38 4.18
CA THR A 16 -11.33 -19.13 5.40
C THR A 16 -11.69 -17.66 5.43
N PHE A 17 -12.93 -17.36 5.12
CA PHE A 17 -13.43 -16.00 5.06
C PHE A 17 -14.46 -15.74 6.16
N PRO A 18 -14.55 -14.50 6.64
CA PRO A 18 -15.47 -14.22 7.73
C PRO A 18 -16.92 -14.39 7.32
N LYS A 19 -17.69 -15.00 8.21
CA LYS A 19 -19.13 -15.14 8.03
C LYS A 19 -19.84 -14.00 8.75
N ARG A 20 -20.99 -13.61 8.21
CA ARG A 20 -21.81 -12.63 8.92
C ARG A 20 -22.02 -13.10 10.35
N GLY A 21 -21.76 -12.19 11.30
CA GLY A 21 -21.91 -12.47 12.71
C GLY A 21 -20.66 -12.99 13.41
N GLN A 22 -19.63 -13.35 12.64
CA GLN A 22 -18.41 -13.89 13.21
C GLN A 22 -17.51 -12.80 13.74
N THR A 23 -16.81 -13.10 14.83
CA THR A 23 -15.87 -12.15 15.41
C THR A 23 -14.56 -12.19 14.64
N CYS A 24 -14.19 -11.03 14.11
CA CYS A 24 -12.96 -10.84 13.37
C CYS A 24 -11.98 -10.09 14.24
N VAL A 25 -10.73 -10.52 14.21
CA VAL A 25 -9.64 -9.87 14.94
C VAL A 25 -8.66 -9.33 13.90
N VAL A 26 -8.46 -8.01 13.91
CA VAL A 26 -7.67 -7.36 12.87
C VAL A 26 -6.71 -6.34 13.48
N HIS A 27 -5.68 -6.03 12.70
CA HIS A 27 -4.96 -4.77 12.88
C HIS A 27 -5.27 -3.88 11.69
N TYR A 28 -5.42 -2.58 11.95
CA TYR A 28 -5.65 -1.65 10.85
C TYR A 28 -4.98 -0.31 11.10
N THR A 29 -4.75 0.39 9.99
CA THR A 29 -4.35 1.78 9.95
C THR A 29 -5.25 2.44 8.93
N GLY A 30 -5.88 3.56 9.31
CA GLY A 30 -6.74 4.32 8.42
C GLY A 30 -6.16 5.67 8.14
N MET A 31 -6.18 6.06 6.85
CA MET A 31 -5.71 7.35 6.44
C MET A 31 -6.63 7.94 5.39
N LEU A 32 -6.68 9.27 5.37
CA LEU A 32 -7.33 9.96 4.26
C LEU A 32 -6.47 9.75 3.03
N GLU A 33 -7.10 9.36 1.91
CA GLU A 33 -6.32 9.15 0.70
C GLU A 33 -5.54 10.41 0.38
N ASP A 34 -4.22 10.25 0.21
CA ASP A 34 -3.32 11.39 0.00
C ASP A 34 -3.45 12.44 1.09
N GLY A 35 -3.80 12.00 2.30
CA GLY A 35 -3.80 12.87 3.45
C GLY A 35 -3.28 12.19 4.70
N LYS A 36 -3.93 12.48 5.82
CA LYS A 36 -3.46 12.20 7.17
C LYS A 36 -3.94 10.86 7.70
N LYS A 37 -3.12 10.24 8.54
CA LYS A 37 -3.52 9.09 9.32
C LYS A 37 -4.48 9.53 10.41
N PHE A 38 -5.63 8.87 10.51
CA PHE A 38 -6.61 9.19 11.54
C PHE A 38 -6.76 8.11 12.62
N ASP A 39 -6.29 6.90 12.40
CA ASP A 39 -6.43 5.87 13.42
C ASP A 39 -5.53 4.71 13.08
N SER A 40 -5.01 4.05 14.11
CA SER A 40 -4.26 2.81 13.92
C SER A 40 -4.32 1.96 15.18
N SER A 41 -4.82 0.73 15.04
CA SER A 41 -4.74 -0.22 16.15
C SER A 41 -3.31 -0.66 16.42
N ARG A 42 -2.44 -0.58 15.41
CA ARG A 42 -1.04 -0.92 15.64
C ARG A 42 -0.39 0.04 16.63
N ASP A 43 -0.70 1.32 16.51
CA ASP A 43 -0.11 2.31 17.42
C ASP A 43 -0.55 2.08 18.87
N ARG A 44 -1.70 1.44 19.09
CA ARG A 44 -2.14 1.06 20.42
C ARG A 44 -1.65 -0.33 20.83
N ASN A 45 -0.96 -1.05 19.95
CA ASN A 45 -0.56 -2.43 20.19
C ASN A 45 -1.72 -3.25 20.76
N LYS A 46 -2.92 -3.00 20.23
CA LYS A 46 -4.08 -3.77 20.64
C LYS A 46 -4.96 -4.06 19.43
N PRO A 47 -5.07 -5.32 19.01
CA PRO A 47 -5.92 -5.61 17.84
C PRO A 47 -7.37 -5.23 18.07
N PHE A 48 -8.06 -4.96 16.99
CA PHE A 48 -9.45 -4.54 16.98
C PHE A 48 -10.32 -5.77 16.72
N LYS A 49 -11.30 -5.99 17.61
CA LYS A 49 -12.23 -7.10 17.44
C LYS A 49 -13.63 -6.55 17.18
N PHE A 50 -14.32 -7.18 16.23
CA PHE A 50 -15.70 -6.78 15.94
C PHE A 50 -16.43 -7.96 15.32
N MET A 51 -17.75 -7.93 15.43
CA MET A 51 -18.61 -8.96 14.85
C MET A 51 -19.13 -8.47 13.52
N LEU A 52 -18.68 -9.11 12.44
CA LEU A 52 -19.02 -8.67 11.10
C LEU A 52 -20.52 -8.61 10.91
N GLY A 53 -21.01 -7.48 10.47
CA GLY A 53 -22.45 -7.32 10.26
C GLY A 53 -23.24 -6.92 11.49
N LYS A 54 -23.02 -7.60 12.61
CA LYS A 54 -23.83 -7.36 13.80
C LYS A 54 -23.42 -6.07 14.48
N GLN A 55 -22.13 -5.78 14.55
CA GLN A 55 -21.64 -4.47 14.97
C GLN A 55 -21.37 -3.72 13.67
N GLU A 56 -22.29 -2.83 13.31
CA GLU A 56 -22.26 -2.20 12.00
C GLU A 56 -21.06 -1.29 11.85
N GLY A 57 -20.39 -1.40 10.70
CA GLY A 57 -19.36 -0.47 10.28
C GLY A 57 -19.73 0.16 8.95
N ILE A 58 -18.84 1.07 8.49
CA ILE A 58 -19.02 1.66 7.18
C ILE A 58 -19.05 0.53 6.14
N ARG A 59 -19.79 0.77 5.06
CA ARG A 59 -20.06 -0.29 4.09
C ARG A 59 -18.77 -0.86 3.50
N GLY A 60 -17.81 -0.01 3.15
CA GLY A 60 -16.60 -0.51 2.53
C GLY A 60 -15.76 -1.35 3.47
N TRP A 61 -15.85 -1.08 4.77
CA TRP A 61 -15.16 -1.90 5.76
C TRP A 61 -15.78 -3.29 5.82
N GLU A 62 -17.11 -3.35 5.99
CA GLU A 62 -17.78 -4.64 6.08
C GLU A 62 -17.53 -5.47 4.82
N GLU A 63 -17.74 -4.87 3.65
CA GLU A 63 -17.61 -5.61 2.40
C GLU A 63 -16.14 -5.90 2.07
N GLY A 64 -15.23 -5.01 2.46
CA GLY A 64 -13.82 -5.26 2.22
C GLY A 64 -13.28 -6.38 3.08
N VAL A 65 -13.57 -6.33 4.39
CA VAL A 65 -13.11 -7.39 5.28
C VAL A 65 -13.73 -8.73 4.90
N ALA A 66 -15.01 -8.74 4.51
CA ALA A 66 -15.65 -9.99 4.12
C ALA A 66 -14.96 -10.66 2.94
N GLN A 67 -14.25 -9.90 2.11
CA GLN A 67 -13.52 -10.44 0.97
C GLN A 67 -12.14 -10.97 1.33
N MET A 68 -11.71 -10.81 2.57
CA MET A 68 -10.38 -11.24 2.99
C MET A 68 -10.44 -12.60 3.65
N SER A 69 -9.38 -13.37 3.48
CA SER A 69 -9.23 -14.65 4.14
C SER A 69 -8.24 -14.54 5.28
N VAL A 70 -8.32 -15.49 6.22
CA VAL A 70 -7.51 -15.40 7.43
C VAL A 70 -6.03 -15.35 7.08
N GLY A 71 -5.32 -14.44 7.71
CA GLY A 71 -3.92 -14.18 7.43
C GLY A 71 -3.66 -13.09 6.41
N GLN A 72 -4.68 -12.70 5.65
CA GLN A 72 -4.48 -11.73 4.59
C GLN A 72 -4.25 -10.34 5.15
N ARG A 73 -3.38 -9.59 4.51
CA ARG A 73 -3.22 -8.16 4.73
C ARG A 73 -3.56 -7.50 3.41
N ALA A 74 -4.36 -6.44 3.45
CA ALA A 74 -4.90 -5.85 2.26
C ALA A 74 -5.07 -4.37 2.43
N LYS A 75 -4.94 -3.66 1.30
CA LYS A 75 -5.26 -2.25 1.21
C LYS A 75 -6.69 -2.13 0.70
N LEU A 76 -7.55 -1.52 1.52
CA LEU A 76 -8.93 -1.20 1.17
C LEU A 76 -8.99 0.28 0.80
N THR A 77 -9.41 0.58 -0.41
CA THR A 77 -9.66 1.96 -0.85
C THR A 77 -11.17 2.12 -0.93
N ILE A 78 -11.72 2.97 -0.09
CA ILE A 78 -13.17 3.07 0.09
C ILE A 78 -13.64 4.43 -0.41
N SER A 79 -14.54 4.42 -1.38
CA SER A 79 -15.11 5.65 -1.89
C SER A 79 -16.00 6.30 -0.84
N PRO A 80 -16.23 7.62 -0.93
CA PRO A 80 -17.03 8.26 0.12
C PRO A 80 -18.41 7.62 0.27
N ASP A 81 -19.05 7.22 -0.82
CA ASP A 81 -20.39 6.65 -0.71
C ASP A 81 -20.40 5.33 0.08
N TYR A 82 -19.27 4.65 0.16
CA TYR A 82 -19.12 3.44 0.98
C TYR A 82 -18.45 3.72 2.33
N ALA A 83 -18.26 4.99 2.66
CA ALA A 83 -17.64 5.41 3.91
C ALA A 83 -18.55 6.41 4.61
N TYR A 84 -18.11 7.65 4.83
CA TYR A 84 -18.86 8.64 5.58
C TYR A 84 -19.54 9.66 4.67
N GLY A 85 -19.42 9.53 3.36
CA GLY A 85 -20.34 10.23 2.50
C GLY A 85 -20.15 11.73 2.46
N ALA A 86 -21.24 12.40 2.09
CA ALA A 86 -21.22 13.84 1.90
C ALA A 86 -21.11 14.60 3.22
N THR A 87 -21.54 14.00 4.31
CA THR A 87 -21.38 14.71 5.58
C THR A 87 -20.02 14.46 6.23
N GLY A 88 -19.34 13.37 5.88
CA GLY A 88 -18.16 13.00 6.62
C GLY A 88 -18.53 12.53 8.00
N HIS A 89 -17.50 12.52 8.85
CA HIS A 89 -17.66 12.21 10.27
C HIS A 89 -17.09 13.44 10.95
N PRO A 90 -17.91 14.46 11.25
CA PRO A 90 -17.37 15.77 11.64
C PRO A 90 -16.33 15.69 12.74
N GLY A 91 -15.28 16.45 12.57
CA GLY A 91 -14.20 16.49 13.49
C GLY A 91 -13.08 15.55 13.15
N ILE A 92 -13.33 14.53 12.32
CA ILE A 92 -12.33 13.53 12.02
C ILE A 92 -12.21 13.29 10.52
N ILE A 93 -13.32 12.98 9.86
CA ILE A 93 -13.31 12.64 8.44
C ILE A 93 -14.04 13.76 7.69
N PRO A 94 -13.40 14.43 6.75
CA PRO A 94 -14.07 15.50 6.01
C PRO A 94 -15.15 14.97 5.10
N PRO A 95 -16.04 15.84 4.63
CA PRO A 95 -16.99 15.48 3.56
C PRO A 95 -16.29 14.93 2.34
N HIS A 96 -16.94 13.95 1.70
CA HIS A 96 -16.50 13.40 0.42
C HIS A 96 -15.08 12.84 0.46
N ALA A 97 -14.72 12.17 1.55
CA ALA A 97 -13.37 11.64 1.70
C ALA A 97 -13.27 10.19 1.23
N THR A 98 -12.30 9.93 0.35
CA THR A 98 -11.89 8.57 0.06
C THR A 98 -10.91 8.11 1.13
N LEU A 99 -11.18 6.93 1.70
CA LEU A 99 -10.40 6.38 2.80
C LEU A 99 -9.54 5.21 2.35
N VAL A 100 -8.37 5.09 2.95
CA VAL A 100 -7.52 3.91 2.77
C VAL A 100 -7.34 3.26 4.13
N PHE A 101 -7.58 1.96 4.19
CA PHE A 101 -7.27 1.16 5.36
C PHE A 101 -6.31 0.05 4.97
N ASP A 102 -5.24 -0.10 5.74
CA ASP A 102 -4.33 -1.23 5.66
C ASP A 102 -4.79 -2.18 6.75
N VAL A 103 -5.38 -3.30 6.37
CA VAL A 103 -6.02 -4.22 7.30
C VAL A 103 -5.37 -5.59 7.21
N GLU A 104 -5.12 -6.18 8.38
CA GLU A 104 -4.61 -7.55 8.47
C GLU A 104 -5.61 -8.37 9.28
N LEU A 105 -6.14 -9.41 8.67
CA LEU A 105 -7.10 -10.30 9.33
C LEU A 105 -6.31 -11.38 10.07
N LEU A 106 -6.20 -11.24 11.38
CA LEU A 106 -5.34 -12.09 12.17
C LEU A 106 -6.02 -13.38 12.60
N LYS A 107 -7.31 -13.32 12.94
CA LYS A 107 -7.99 -14.46 13.53
C LYS A 107 -9.49 -14.30 13.29
N LEU A 108 -10.18 -15.43 13.22
CA LEU A 108 -11.63 -15.48 13.29
C LEU A 108 -12.02 -16.27 14.53
N GLU A 109 -12.89 -15.71 15.36
CA GLU A 109 -13.32 -16.39 16.56
C GLU A 109 -14.83 -16.64 16.48
N PRO B 2 25.56 0.11 -5.04
CA PRO B 2 25.77 -1.32 -4.79
C PRO B 2 24.46 -2.01 -4.38
N GLY B 3 23.88 -1.52 -3.28
CA GLY B 3 22.61 -2.03 -2.83
C GLY B 3 21.46 -1.68 -3.75
N VAL B 4 21.51 -0.51 -4.38
CA VAL B 4 20.58 -0.18 -5.46
C VAL B 4 21.36 0.49 -6.59
N GLN B 5 21.18 -0.03 -7.80
CA GLN B 5 21.69 0.60 -9.00
C GLN B 5 20.54 1.31 -9.69
N VAL B 6 20.81 2.53 -10.13
CA VAL B 6 19.85 3.36 -10.85
C VAL B 6 20.43 3.59 -12.24
N GLU B 7 19.74 3.09 -13.25
CA GLU B 7 20.19 3.23 -14.63
C GLU B 7 19.10 3.89 -15.43
N THR B 8 19.45 4.98 -16.12
CA THR B 8 18.44 5.77 -16.80
C THR B 8 17.89 5.03 -18.02
N ILE B 9 16.57 5.04 -18.12
CA ILE B 9 15.87 4.67 -19.34
C ILE B 9 15.54 5.90 -20.17
N SER B 10 15.02 6.96 -19.52
CA SER B 10 14.73 8.25 -20.15
C SER B 10 15.16 9.33 -19.14
N PRO B 11 15.99 10.29 -19.55
CA PRO B 11 16.41 11.32 -18.60
C PRO B 11 15.25 12.20 -18.16
N GLY B 12 15.36 12.71 -16.93
CA GLY B 12 14.47 13.73 -16.40
C GLY B 12 15.04 15.11 -16.60
N ASP B 13 14.55 16.06 -15.80
CA ASP B 13 15.01 17.45 -15.97
C ASP B 13 16.42 17.70 -15.42
N GLY B 14 16.97 16.77 -14.66
CA GLY B 14 18.30 16.92 -14.12
C GLY B 14 18.44 17.94 -13.02
N ARG B 15 17.33 18.48 -12.51
CA ARG B 15 17.35 19.60 -11.57
C ARG B 15 16.41 19.45 -10.38
N THR B 16 15.27 18.79 -10.53
CA THR B 16 14.23 18.76 -9.51
C THR B 16 14.18 17.34 -8.97
N PHE B 17 14.77 17.16 -7.80
CA PHE B 17 14.89 15.88 -7.14
C PHE B 17 14.06 15.88 -5.87
N PRO B 18 13.49 14.73 -5.50
CA PRO B 18 12.66 14.68 -4.30
C PRO B 18 13.47 14.97 -3.06
N LYS B 19 12.86 15.72 -2.16
CA LYS B 19 13.39 15.99 -0.83
C LYS B 19 12.71 15.04 0.16
N ARG B 20 13.46 14.66 1.21
CA ARG B 20 12.89 13.86 2.28
C ARG B 20 11.59 14.53 2.74
N GLY B 21 10.53 13.74 2.82
CA GLY B 21 9.23 14.23 3.22
C GLY B 21 8.33 14.68 2.09
N GLN B 22 8.85 14.80 0.88
CA GLN B 22 8.04 15.23 -0.25
C GLN B 22 7.28 14.04 -0.82
N THR B 23 6.08 14.30 -1.35
CA THR B 23 5.31 13.24 -1.99
C THR B 23 5.77 13.06 -3.43
N CYS B 24 6.15 11.84 -3.78
CA CYS B 24 6.54 11.45 -5.13
C CYS B 24 5.39 10.72 -5.80
N VAL B 25 5.11 11.06 -7.05
CA VAL B 25 4.07 10.42 -7.85
C VAL B 25 4.77 9.69 -8.98
N VAL B 26 4.57 8.37 -9.06
CA VAL B 26 5.35 7.54 -9.96
C VAL B 26 4.46 6.51 -10.64
N HIS B 27 4.96 5.99 -11.75
CA HIS B 27 4.51 4.71 -12.29
C HIS B 27 5.64 3.71 -12.14
N TYR B 28 5.30 2.46 -11.86
CA TYR B 28 6.34 1.44 -11.70
C TYR B 28 5.83 0.09 -12.15
N THR B 29 6.79 -0.75 -12.51
CA THR B 29 6.62 -2.18 -12.70
C THR B 29 7.73 -2.86 -11.93
N GLY B 30 7.37 -3.84 -11.12
CA GLY B 30 8.34 -4.60 -10.35
C GLY B 30 8.36 -6.06 -10.74
N MET B 31 9.57 -6.60 -10.86
CA MET B 31 9.72 -8.00 -11.17
C MET B 31 10.89 -8.59 -10.39
N LEU B 32 10.82 -9.88 -10.16
CA LEU B 32 11.98 -10.60 -9.65
C LEU B 32 13.04 -10.59 -10.75
N GLU B 33 14.30 -10.36 -10.39
CA GLU B 33 15.37 -10.39 -11.38
C GLU B 33 15.28 -11.72 -12.10
N ASP B 34 15.20 -11.65 -13.42
CA ASP B 34 14.97 -12.83 -14.23
C ASP B 34 13.58 -13.40 -14.00
N GLY B 35 12.56 -12.61 -14.40
CA GLY B 35 11.32 -13.16 -14.91
C GLY B 35 10.01 -12.60 -14.37
N LYS B 36 9.69 -12.94 -13.13
CA LYS B 36 8.30 -12.88 -12.68
C LYS B 36 7.91 -11.47 -12.25
N LYS B 37 6.94 -10.90 -12.96
CA LYS B 37 6.33 -9.64 -12.57
C LYS B 37 5.45 -9.85 -11.35
N PHE B 38 5.62 -9.01 -10.34
CA PHE B 38 4.76 -9.05 -9.17
C PHE B 38 3.86 -7.83 -8.99
N ASP B 39 4.10 -6.72 -9.67
CA ASP B 39 3.25 -5.56 -9.48
C ASP B 39 3.50 -4.55 -10.59
N SER B 40 2.44 -3.87 -11.02
CA SER B 40 2.59 -2.76 -11.96
C SER B 40 1.47 -1.76 -11.78
N SER B 41 1.85 -0.53 -11.44
CA SER B 41 0.87 0.55 -11.42
C SER B 41 0.40 0.91 -12.81
N ARG B 42 1.23 0.64 -13.84
CA ARG B 42 0.83 0.89 -15.23
C ARG B 42 -0.37 0.03 -15.60
N ASP B 43 -0.41 -1.22 -15.12
CA ASP B 43 -1.54 -2.10 -15.45
C ASP B 43 -2.84 -1.64 -14.82
N ARG B 44 -2.77 -0.83 -13.76
CA ARG B 44 -3.95 -0.28 -13.10
C ARG B 44 -4.34 1.10 -13.58
N ASN B 45 -3.56 1.70 -14.47
CA ASN B 45 -3.78 3.08 -14.86
C ASN B 45 -3.97 3.98 -13.65
N LYS B 46 -3.20 3.71 -12.60
CA LYS B 46 -3.29 4.58 -11.42
C LYS B 46 -1.90 4.79 -10.84
N PRO B 47 -1.35 6.01 -10.93
CA PRO B 47 -0.02 6.26 -10.35
C PRO B 47 0.03 5.96 -8.86
N PHE B 48 1.22 5.61 -8.41
CA PHE B 48 1.50 5.33 -7.01
C PHE B 48 2.10 6.58 -6.37
N LYS B 49 1.61 6.94 -5.19
CA LYS B 49 2.10 8.09 -4.47
C LYS B 49 2.65 7.64 -3.12
N PHE B 50 3.76 8.24 -2.72
CA PHE B 50 4.29 7.98 -1.39
C PHE B 50 5.12 9.17 -0.95
N MET B 51 5.15 9.38 0.36
CA MET B 51 5.89 10.47 0.94
C MET B 51 7.27 9.93 1.28
N LEU B 52 8.27 10.42 0.56
CA LEU B 52 9.62 9.90 0.70
C LEU B 52 10.13 10.05 2.13
N GLY B 53 10.53 8.94 2.74
CA GLY B 53 11.12 9.00 4.06
C GLY B 53 10.15 9.24 5.19
N LYS B 54 8.85 9.22 4.93
CA LYS B 54 7.81 9.33 5.94
C LYS B 54 6.83 8.18 5.86
N GLN B 55 6.43 7.79 4.65
CA GLN B 55 5.76 6.51 4.41
C GLN B 55 6.87 5.58 3.97
N GLU B 56 7.34 4.77 4.92
CA GLU B 56 8.57 4.01 4.73
C GLU B 56 8.38 2.91 3.69
N GLY B 57 9.38 2.76 2.82
CA GLY B 57 9.44 1.66 1.88
C GLY B 57 10.80 0.97 1.96
N ILE B 58 10.96 -0.06 1.13
CA ILE B 58 12.24 -0.78 1.11
C ILE B 58 13.36 0.21 0.77
N ARG B 59 14.55 -0.08 1.29
CA ARG B 59 15.63 0.89 1.24
C ARG B 59 15.99 1.27 -0.19
N GLY B 60 16.09 0.28 -1.09
CA GLY B 60 16.53 0.60 -2.43
C GLY B 60 15.51 1.41 -3.21
N TRP B 61 14.25 1.30 -2.84
CA TRP B 61 13.23 2.13 -3.49
C TRP B 61 13.39 3.59 -3.07
N GLU B 62 13.44 3.84 -1.76
CA GLU B 62 13.61 5.21 -1.27
C GLU B 62 14.87 5.84 -1.85
N GLU B 63 16.00 5.14 -1.75
CA GLU B 63 17.25 5.70 -2.22
C GLU B 63 17.30 5.80 -3.73
N GLY B 64 16.65 4.87 -4.43
CA GLY B 64 16.66 4.94 -5.88
C GLY B 64 15.81 6.09 -6.41
N VAL B 65 14.59 6.22 -5.90
CA VAL B 65 13.74 7.33 -6.35
C VAL B 65 14.34 8.67 -5.94
N ALA B 66 15.00 8.74 -4.78
CA ALA B 66 15.62 9.99 -4.36
C ALA B 66 16.66 10.47 -5.34
N GLN B 67 17.27 9.56 -6.10
CA GLN B 67 18.28 9.90 -7.10
C GLN B 67 17.68 10.35 -8.43
N MET B 68 16.37 10.28 -8.59
CA MET B 68 15.74 10.61 -9.84
C MET B 68 15.22 12.04 -9.85
N SER B 69 15.23 12.64 -11.03
CA SER B 69 14.66 13.96 -11.22
C SER B 69 13.31 13.84 -11.91
N VAL B 70 12.50 14.88 -11.79
CA VAL B 70 11.15 14.82 -12.34
C VAL B 70 11.21 14.60 -13.84
N GLY B 71 10.41 13.65 -14.30
CA GLY B 71 10.39 13.23 -15.68
C GLY B 71 11.26 12.03 -16.00
N GLN B 72 12.13 11.64 -15.09
CA GLN B 72 13.07 10.56 -15.38
C GLN B 72 12.39 9.22 -15.28
N ARG B 73 12.78 8.31 -16.15
CA ARG B 73 12.44 6.90 -16.04
C ARG B 73 13.73 6.12 -15.86
N ALA B 74 13.73 5.15 -14.94
CA ALA B 74 14.96 4.47 -14.58
C ALA B 74 14.68 3.01 -14.22
N LYS B 75 15.69 2.17 -14.47
CA LYS B 75 15.73 0.81 -13.95
C LYS B 75 16.44 0.82 -12.61
N LEU B 76 15.73 0.39 -11.57
CA LEU B 76 16.30 0.20 -10.24
C LEU B 76 16.54 -1.30 -10.04
N THR B 77 17.80 -1.67 -9.79
CA THR B 77 18.17 -3.05 -9.46
C THR B 77 18.54 -3.05 -7.99
N ILE B 78 17.76 -3.76 -7.18
CA ILE B 78 17.83 -3.69 -5.72
C ILE B 78 18.28 -5.05 -5.19
N SER B 79 19.43 -5.07 -4.52
CA SER B 79 19.90 -6.29 -3.90
C SER B 79 19.00 -6.67 -2.71
N PRO B 80 19.02 -7.95 -2.32
CA PRO B 80 18.15 -8.37 -1.22
C PRO B 80 18.32 -7.53 0.03
N ASP B 81 19.55 -7.17 0.37
CA ASP B 81 19.76 -6.41 1.61
C ASP B 81 19.08 -5.05 1.57
N TYR B 82 18.88 -4.49 0.38
CA TYR B 82 18.17 -3.23 0.21
C TYR B 82 16.70 -3.42 -0.14
N ALA B 83 16.23 -4.68 -0.09
CA ALA B 83 14.83 -5.00 -0.42
C ALA B 83 14.26 -5.73 0.79
N TYR B 84 13.83 -6.99 0.60
CA TYR B 84 13.15 -7.73 1.68
C TYR B 84 14.07 -8.76 2.34
N GLY B 85 15.34 -8.81 1.96
CA GLY B 85 16.32 -9.57 2.71
C GLY B 85 16.01 -11.06 2.78
N ALA B 86 16.50 -11.69 3.85
CA ALA B 86 16.28 -13.11 4.05
C ALA B 86 14.83 -13.42 4.39
N THR B 87 14.07 -12.43 4.87
CA THR B 87 12.68 -12.67 5.23
C THR B 87 11.80 -12.76 3.99
N GLY B 88 12.13 -12.00 2.97
CA GLY B 88 11.19 -11.86 1.87
C GLY B 88 9.98 -11.04 2.29
N HIS B 89 9.02 -10.97 1.37
CA HIS B 89 7.75 -10.34 1.69
C HIS B 89 6.70 -11.43 1.66
N PRO B 90 6.10 -11.78 2.81
CA PRO B 90 5.32 -13.01 2.89
C PRO B 90 4.29 -13.22 1.80
N GLY B 91 4.44 -14.37 1.12
CA GLY B 91 3.52 -14.81 0.09
C GLY B 91 3.78 -14.27 -1.29
N ILE B 92 4.69 -13.31 -1.46
CA ILE B 92 4.92 -12.65 -2.75
C ILE B 92 6.39 -12.69 -3.15
N ILE B 93 7.27 -12.22 -2.28
CA ILE B 93 8.69 -12.09 -2.61
C ILE B 93 9.45 -13.13 -1.80
N PRO B 94 10.17 -14.05 -2.44
CA PRO B 94 10.91 -15.07 -1.68
C PRO B 94 12.11 -14.50 -0.96
N PRO B 95 12.67 -15.24 -0.02
CA PRO B 95 13.94 -14.83 0.61
C PRO B 95 15.02 -14.61 -0.43
N HIS B 96 15.88 -13.63 -0.12
CA HIS B 96 17.11 -13.38 -0.88
C HIS B 96 16.87 -13.01 -2.33
N ALA B 97 15.79 -12.27 -2.58
CA ALA B 97 15.41 -11.87 -3.93
C ALA B 97 16.00 -10.52 -4.34
N THR B 98 16.66 -10.50 -5.49
CA THR B 98 17.02 -9.25 -6.15
C THR B 98 15.80 -8.79 -6.92
N LEU B 99 15.45 -7.51 -6.78
CA LEU B 99 14.28 -6.95 -7.42
C LEU B 99 14.68 -5.95 -8.48
N VAL B 100 13.87 -5.86 -9.53
CA VAL B 100 14.03 -4.87 -10.57
C VAL B 100 12.74 -4.06 -10.64
N PHE B 101 12.87 -2.74 -10.54
CA PHE B 101 11.75 -1.84 -10.75
C PHE B 101 12.05 -0.90 -11.92
N ASP B 102 11.09 -0.77 -12.82
CA ASP B 102 11.09 0.23 -13.90
C ASP B 102 10.21 1.36 -13.36
N VAL B 103 10.81 2.49 -13.01
CA VAL B 103 10.11 3.57 -12.32
C VAL B 103 10.19 4.85 -13.14
N GLU B 104 9.06 5.55 -13.25
CA GLU B 104 8.97 6.86 -13.87
C GLU B 104 8.50 7.86 -12.81
N LEU B 105 9.31 8.87 -12.54
CA LEU B 105 8.95 9.93 -11.60
C LEU B 105 8.14 10.99 -12.34
N LEU B 106 6.84 11.00 -12.09
CA LEU B 106 5.94 11.82 -12.86
C LEU B 106 5.87 13.25 -12.33
N LYS B 107 5.77 13.40 -11.02
CA LYS B 107 5.62 14.73 -10.43
C LYS B 107 5.91 14.64 -8.94
N LEU B 108 6.16 15.81 -8.34
CA LEU B 108 6.30 15.94 -6.90
C LEU B 108 5.18 16.81 -6.39
N GLU B 109 4.60 16.42 -5.27
CA GLU B 109 3.46 17.13 -4.67
C GLU B 109 3.85 17.50 -3.24
C11 LWR C . -13.49 1.82 18.60
C13 LWR C . -16.31 1.89 19.67
C14 LWR C . -17.56 1.89 20.10
C15 LWR C . -18.27 0.82 20.73
C17 LWR C . -20.36 -0.27 21.58
C18 LWR C . -21.15 0.05 22.73
C21 LWR C . -19.92 -2.41 19.13
C01 LWR C . -12.89 7.67 11.96
C02 LWR C . -13.41 6.60 12.97
C03 LWR C . -13.86 7.26 14.28
C04 LWR C . -14.25 6.21 15.29
C05 LWR C . -13.19 5.18 15.47
C06 LWR C . -13.71 4.01 16.29
C07 LWR C . -13.86 4.25 17.77
C09 LWR C . -12.66 5.12 19.68
C10 LWR C . -14.40 3.04 18.48
C12 LWR C . -15.60 2.93 18.99
C16 LWR C . -19.56 0.85 21.01
C19 LWR C . -21.33 -0.89 20.56
C20 LWR C . -20.75 -1.17 19.12
C22 LWR C . -21.91 -1.19 18.14
C23 LWR C . -22.47 0.02 17.39
C25 LWR C . -24.80 0.07 17.86
C26 LWR C . -21.58 0.34 16.17
C28 LWR C . -20.18 0.84 16.49
C29 LWR C . -20.08 2.27 17.21
C30 LWR C . -19.08 0.14 16.20
C31 LWR C . -17.60 0.48 16.31
C32 LWR C . -16.74 -0.62 16.89
C33 LWR C . -17.16 0.87 14.89
C34 LWR C . -17.24 2.26 14.43
C35 LWR C . -17.37 2.50 12.92
C36 LWR C . -18.33 3.63 12.50
C37 LWR C . -19.86 3.26 12.85
C38 LWR C . -21.05 3.91 12.12
C39 LWR C . -22.36 3.09 12.37
C40 LWR C . -23.61 3.76 11.78
C41 LWR C . -23.46 4.09 10.26
C43 LWR C . -22.16 4.91 10.04
C45 LWR C . -21.42 6.41 8.31
C46 LWR C . -20.95 4.10 10.60
C47 LWR C . -17.94 4.91 13.16
C49 LWR C . -15.92 2.14 11.14
C50 LWR C . -14.56 2.21 10.60
C51 LWR C . -14.14 0.78 10.23
C52 LWR C . -13.71 -0.06 11.41
C53 LWR C . -12.60 0.60 12.18
C54 LWR C . -13.05 1.97 12.64
C56 LWR C . -13.13 4.10 11.25
C57 LWR C . -12.05 4.65 12.10
C58 LWR C . -12.33 5.52 13.29
C66 LWR C . -17.57 -2.18 13.22
C67 LWR C . -16.51 -2.65 12.27
N55 LWR C . -13.59 2.79 11.49
N64 LWR C . -16.91 0.00 13.92
O08 LWR C . -12.62 4.65 18.30
O24 LWR C . -23.77 -0.18 16.91
O27 LWR C . -21.51 -0.88 15.44
O42 LWR C . -24.55 4.91 9.85
O44 LWR C . -21.97 5.12 8.65
O48 LWR C . -16.12 2.66 12.35
O59 LWR C . -11.16 6.09 13.75
O60 LWR C . -12.84 4.63 14.20
O61 LWR C . -10.92 4.28 11.88
O62 LWR C . -13.57 4.78 10.35
O63 LWR C . -16.81 1.63 10.50
O65 LWR C . -16.94 -1.34 14.26
O68 LWR C . -22.46 -2.25 17.91
H113 LWR C . -12.55 1.98 18.40
H111 LWR C . -13.72 1.08 18.01
H112 LWR C . -13.47 1.41 19.47
H131 LWR C . -15.77 1.15 19.79
H141 LWR C . -18.05 2.67 20.00
H151 LWR C . -17.76 0.07 20.93
H171 LWR C . -19.82 -0.98 21.95
H183 LWR C . -21.46 0.97 22.63
H181 LWR C . -20.59 -0.05 23.51
H182 LWR C . -21.90 -0.56 22.76
H212 LWR C . -19.59 -2.63 18.25
H213 LWR C . -20.43 -3.19 19.43
H211 LWR C . -19.15 -2.35 19.71
H012 LWR C . -12.65 7.32 11.09
H011 LWR C . -12.10 8.15 12.26
H013 LWR C . -13.54 8.38 11.78
H021 LWR C . -14.19 6.16 12.57
H031 LWR C . -14.59 7.88 14.12
H032 LWR C . -13.15 7.83 14.63
H041 LWR C . -15.09 5.80 15.04
H042 LWR C . -14.46 6.64 16.15
H051 LWR C . -12.43 5.61 15.91
H061 LWR C . -13.13 3.23 16.18
H062 LWR C . -14.57 3.72 15.96
H071 LWR C . -14.44 5.01 17.94
H093 LWR C . -11.88 4.95 20.23
H091 LWR C . -13.37 4.77 20.24
H092 LWR C . -12.77 6.07 19.82
H121 LWR C . -16.16 3.68 18.91
H161 LWR C . -20.03 1.62 20.85
H191 LWR C . -21.70 -1.72 20.91
H192 LWR C . -22.12 -0.32 20.46
H201 LWR C . -20.15 -0.49 18.79
H231 LWR C . -22.49 0.73 18.05
H253 LWR C . -25.69 -0.27 17.65
H251 LWR C . -24.99 1.00 18.05
H252 LWR C . -24.67 -0.28 18.75
H261 LWR C . -22.00 1.06 15.66
H292 LWR C . -19.59 3.02 16.83
H293 LWR C . -20.86 2.80 17.42
H291 LWR C . -19.68 2.39 18.09
H301 LWR C . -19.21 -0.72 15.86
H311 LWR C . -17.36 1.07 17.04
H323 LWR C . -17.10 -1.51 16.76
H322 LWR C . -16.59 -0.55 17.84
H321 LWR C . -15.85 -0.66 16.49
H341 LWR C . -17.96 2.73 14.88
H342 LWR C . -16.47 2.77 14.76
H351 LWR C . -17.82 1.72 12.55
H361 LWR C . -18.28 3.80 11.55
H371 LWR C . -19.97 3.41 13.80
H372 LWR C . -19.95 2.30 12.76
H381 LWR C . -21.11 4.81 12.49
H392 LWR C . -22.50 2.95 13.32
H391 LWR C . -22.28 2.20 12.02
H402 LWR C . -24.39 3.20 11.91
H401 LWR C . -23.84 4.56 12.26
H411 LWR C . -23.44 3.27 9.74
H431 LWR C . -22.23 5.78 10.49
H452 LWR C . -21.40 6.61 7.36
H451 LWR C . -20.51 6.56 8.58
H453 LWR C . -21.90 7.18 8.68
H462 LWR C . -20.12 4.53 10.36
H461 LWR C . -20.90 3.23 10.16
H471 LWR C . -18.27 4.99 14.08
H472 LWR C . -18.27 5.71 12.70
H473 LWR C . -16.98 5.03 13.23
H501 LWR C . -14.54 2.70 9.77
H512 LWR C . -13.40 0.79 9.59
H511 LWR C . -14.84 0.32 9.76
H521 LWR C . -14.46 -0.24 12.00
H522 LWR C . -13.44 -0.96 11.13
H532 LWR C . -12.33 0.05 12.92
H531 LWR C . -11.80 0.65 11.62
H541 LWR C . -13.70 1.87 13.35
H542 LWR C . -12.31 2.41 13.08
H662 LWR C . -18.01 -2.96 13.57
H661 LWR C . -18.24 -1.71 12.69
H671 LWR C . -15.91 -3.32 12.64
H672 LWR C . -15.91 -1.96 11.95
H673 LWR C . -16.84 -3.06 11.45
H271 LWR C . -22.28 -1.21 15.41
H421 LWR C . -24.39 5.20 9.07
H591 LWR C . -10.69 6.31 13.09
C1 GOL D . -0.93 -5.72 -6.77
O1 GOL D . -2.30 -5.54 -6.61
C2 GOL D . -0.35 -6.10 -5.39
O2 GOL D . 1.02 -6.31 -5.44
C3 GOL D . -1.09 -7.39 -4.98
O3 GOL D . -0.12 -8.33 -4.67
H11 GOL D . -0.48 -4.92 -7.10
H12 GOL D . -0.72 -6.42 -7.41
HO1 GOL D . -2.48 -4.78 -6.94
H2 GOL D . -0.50 -5.39 -4.76
HO2 GOL D . 1.34 -6.10 -4.68
H31 GOL D . -1.68 -7.66 -5.69
H32 GOL D . -1.67 -7.19 -4.22
HO3 GOL D . 0.46 -8.28 -5.30
C11 LWR E . -0.13 -0.08 -2.33
C13 LWR E . -0.50 0.30 0.69
C14 LWR E . -0.74 0.48 1.98
C15 LWR E . -1.02 1.70 2.67
C17 LWR E . -1.29 3.10 4.73
C18 LWR E . -2.47 3.07 5.60
C21 LWR E . 1.21 4.83 3.66
C01 LWR E . 5.60 -6.84 -3.27
C02 LWR E . 4.89 -5.59 -2.75
C03 LWR E . 3.56 -5.98 -2.06
C04 LWR E . 2.79 -4.78 -1.57
C05 LWR E . 2.56 -3.84 -2.71
C06 LWR E . 2.01 -2.52 -2.21
C07 LWR E . 0.54 -2.51 -1.76
C09 LWR E . -1.62 -3.27 -2.48
C10 LWR E . 0.09 -1.16 -1.30
C12 LWR E . -0.13 -0.87 -0.02
C16 LWR E . -1.08 1.85 3.98
C19 LWR E . -0.07 3.64 5.53
C20 LWR E . 1.24 3.74 4.69
C22 LWR E . 2.39 3.79 5.61
C23 LWR E . 3.05 2.55 6.18
C25 LWR E . 2.98 2.94 8.62
C26 LWR E . 4.04 1.91 5.20
C28 LWR E . 3.44 1.31 3.93
C29 LWR E . 2.60 -0.06 4.10
C30 LWR E . 3.63 1.83 2.72
C31 LWR E . 3.19 1.36 1.33
C32 LWR E . 2.59 2.46 0.49
C33 LWR E . 4.45 0.72 0.71
C34 LWR E . 4.69 -0.74 0.82
C35 LWR E . 6.10 -1.32 0.78
C36 LWR E . 6.30 -2.71 1.55
C37 LWR E . 6.11 -2.60 3.08
C38 LWR E . 7.10 -1.67 3.84
C39 LWR E . 8.54 -2.18 3.69
C40 LWR E . 9.55 -1.39 4.54
C41 LWR E . 9.15 -1.39 6.02
C43 LWR E . 7.79 -0.65 6.15
C45 LWR E . 6.73 0.63 7.98
C46 LWR E . 6.75 -1.48 5.34
C47 LWR E . 5.36 -3.76 1.00
C49 LWR E . 7.69 -1.18 -1.03
C50 LWR E . 7.96 -1.46 -2.44
C51 LWR E . 8.43 -0.17 -3.18
C52 LWR E . 7.28 0.79 -3.47
C53 LWR E . 6.28 0.10 -4.36
C54 LWR E . 5.73 -1.10 -3.66
C56 LWR E . 6.83 -3.35 -3.57
C57 LWR E . 5.73 -3.90 -4.41
C58 LWR E . 4.53 -4.59 -3.88
C66 LWR E . 6.51 3.48 0.54
C67 LWR E . 7.44 3.56 -0.65
N55 LWR E . 6.84 -2.00 -3.20
N64 LWR E . 5.46 1.42 0.20
O08 LWR E . -0.24 -2.97 -2.82
O24 LWR E . 3.74 2.80 7.35
O27 LWR E . 4.86 2.99 4.79
O42 LWR E . 10.06 -0.64 6.73
O44 LWR E . 7.43 -0.58 7.53
O48 LWR E . 6.47 -1.45 -0.60
O59 LWR E . 3.79 -5.19 -4.85
O60 LWR E . 3.81 -3.52 -3.31
O61 LWR E . 5.80 -3.67 -5.59
O62 LWR E . 7.70 -4.11 -3.21
O63 LWR E . 8.53 -0.71 -0.29
O65 LWR E . 5.29 2.79 0.17
O68 LWR E . 2.83 4.89 5.95
H113 LWR E . -0.20 -0.38 -3.24
H111 LWR E . 0.57 0.60 -2.38
H112 LWR E . -0.92 0.45 -2.21
H131 LWR E . -0.57 1.02 0.10
H141 LWR E . -0.73 -0.27 2.54
H151 LWR E . -1.17 2.44 2.12
H171 LWR E . -1.52 3.88 4.19
H183 LWR E . -3.24 2.85 5.05
H181 LWR E . -2.57 3.95 6.01
H182 LWR E . -2.32 2.39 6.28
H212 LWR E . 1.12 5.71 4.05
H213 LWR E . 0.49 4.74 3.03
H211 LWR E . 2.02 4.87 3.12
H012 LWR E . 5.84 -6.80 -4.20
H011 LWR E . 5.08 -7.65 -3.18
H013 LWR E . 6.43 -7.03 -2.81
H021 LWR E . 5.47 -5.17 -2.10
H031 LWR E . 3.73 -6.58 -1.32
H032 LWR E . 3.01 -6.50 -2.67
H041 LWR E . 3.26 -4.34 -0.84
H042 LWR E . 1.95 -5.05 -1.17
H051 LWR E . 1.93 -4.26 -3.32
H061 LWR E . 2.10 -1.83 -2.89
H062 LWR E . 2.54 -2.19 -1.46
H071 LWR E . 0.38 -3.16 -1.06
H093 LWR E . -1.83 -4.18 -2.26
H091 LWR E . -1.98 -2.79 -1.71
H092 LWR E . -2.29 -3.07 -3.16
H121 LWR E . -0.04 -1.58 0.58
H161 LWR E . -0.99 1.09 4.51
H191 LWR E . -0.26 4.52 5.90
H192 LWR E . 0.11 3.09 6.31
H201 LWR E . 1.40 2.95 4.13
H231 LWR E . 2.31 1.94 6.37
H253 LWR E . 2.24 3.56 8.62
H251 LWR E . 3.48 3.23 9.40
H252 LWR E . 2.56 2.13 8.96
H261 LWR E . 4.52 1.20 5.66
H292 LWR E . 2.55 -0.54 4.94
H293 LWR E . 1.64 -0.11 3.94
H291 LWR E . 2.79 -0.86 3.57
H301 LWR E . 4.10 2.64 2.66
H311 LWR E . 2.38 0.84 1.28
H323 LWR E . 2.93 3.35 0.70
H322 LWR E . 1.62 2.54 0.58
H321 LWR E . 2.74 2.36 -0.46
H341 LWR E . 4.27 -1.06 1.63
H342 LWR E . 4.16 -1.20 0.15
H351 LWR E . 6.70 -0.75 1.27
H361 LWR E . 7.19 -3.03 1.38
H371 LWR E . 5.20 -2.33 3.27
H372 LWR E . 6.15 -3.50 3.46
H381 LWR E . 7.07 -0.79 3.43
H392 LWR E . 8.82 -2.16 2.76
H391 LWR E . 8.61 -3.12 3.92
H402 LWR E . 10.44 -1.75 4.43
H401 LWR E . 9.64 -0.49 4.21
H411 LWR E . 9.12 -2.29 6.37
H431 LWR E . 7.85 0.25 5.81
H452 LWR E . 7.28 1.44 8.02
H451 LWR E . 5.97 0.91 7.44
H453 LWR E . 6.36 0.59 8.88
H462 LWR E . 6.64 -2.34 5.77
H461 LWR E . 5.89 -1.05 5.42
H471 LWR E . 4.43 -3.62 1.24
H472 LWR E . 5.38 -3.83 0.03
H473 LWR E . 5.56 -4.66 1.32
H501 LWR E . 8.71 -2.08 -2.50
H512 LWR E . 8.88 -0.38 -4.02
H511 LWR E . 9.10 0.30 -2.66
H521 LWR E . 6.88 1.10 -2.65
H522 LWR E . 7.61 1.61 -3.88
H532 LWR E . 5.58 0.73 -4.62
H531 LWR E . 6.69 -0.12 -5.22
H541 LWR E . 5.17 -0.80 -2.92
H542 LWR E . 5.10 -1.55 -4.23
H662 LWR E . 6.36 4.38 0.85
H661 LWR E . 6.99 3.03 1.26
H671 LWR E . 8.36 3.74 -0.44
H672 LWR E . 7.21 4.25 -1.29
H673 LWR E . 7.48 2.76 -1.19
H271 LWR E . 5.61 2.69 4.56
H421 LWR E . 10.69 -1.16 7.00
H591 LWR E . 4.31 -5.65 -5.35
C1 GOL F . -0.66 2.29 -6.86
O1 GOL F . -1.21 2.59 -8.11
C2 GOL F . -1.75 2.55 -5.76
O2 GOL F . -2.66 3.51 -6.14
C3 GOL F . -2.32 1.13 -5.49
O3 GOL F . -3.52 1.20 -4.77
H11 GOL F . 0.12 2.83 -6.66
H12 GOL F . -0.37 1.36 -6.80
HO1 GOL F . -1.48 3.40 -8.07
H2 GOL F . -1.38 2.92 -4.93
HO2 GOL F . -3.22 3.58 -5.50
H31 GOL F . -1.64 0.62 -5.03
H32 GOL F . -2.42 0.70 -6.35
HO3 GOL F . -3.72 0.41 -4.52
#